data_4LNQ
#
_entry.id   4LNQ
#
_cell.length_a   95.353
_cell.length_b   105.566
_cell.length_c   65.143
_cell.angle_alpha   90.00
_cell.angle_beta   90.00
_cell.angle_gamma   90.00
#
_symmetry.space_group_name_H-M   'P 21 21 2'
#
loop_
_entity.id
_entity.type
_entity.pdbx_description
1 polymer 'Interferon-activable protein 202'
2 polymer '20bp DNA'
3 water water
#
loop_
_entity_poly.entity_id
_entity_poly.type
_entity_poly.pdbx_seq_one_letter_code
_entity_poly.pdbx_strand_id
1 'polypeptide(L)'
;GPHMKGAVLHEKPMTVMVLTATEPFNYKEGKENMFHATVATESKYYRVKVFNMDLKEKFTENKFITISKYFNSSGILEIN
ETATVSEAAPNQMFEVPKNIIRSAKETLKISKIKELDSGTLIYGVFAVEKKKVNDKSITFKIKDNEDNIKVVWDKEQHNI
NYEKGDKLQLFSFHLRKGNGKPILHSGNHSFIKGEKL
;
A,B
2 'polydeoxyribonucleotide' (DC)(DC)(DA)(DT)(DC)(DA)(DA)(DA)(DG)(DA)(DT)(DC)(DT)(DT)(DT)(DG)(DA)(DT)(DG)(DG) C,D
#
# COMPACT_ATOMS: atom_id res chain seq x y z
N GLY A 1 -15.33 -31.34 -6.14
CA GLY A 1 -14.03 -31.85 -6.55
C GLY A 1 -12.94 -31.66 -5.51
N PRO A 2 -11.67 -31.83 -5.92
CA PRO A 2 -10.53 -31.63 -5.00
C PRO A 2 -10.31 -30.18 -4.61
N HIS A 3 -9.73 -29.99 -3.43
CA HIS A 3 -9.41 -28.67 -2.90
C HIS A 3 -8.34 -27.95 -3.73
N MET A 4 -7.48 -28.74 -4.36
CA MET A 4 -6.47 -28.22 -5.28
C MET A 4 -6.98 -28.33 -6.72
N LYS A 5 -7.14 -27.20 -7.39
CA LYS A 5 -7.67 -27.18 -8.75
C LYS A 5 -6.72 -27.86 -9.73
N GLY A 6 -7.26 -28.65 -10.65
CA GLY A 6 -6.41 -29.35 -11.60
C GLY A 6 -5.83 -30.65 -11.06
N ALA A 7 -5.99 -30.89 -9.76
CA ALA A 7 -5.51 -32.13 -9.15
C ALA A 7 -6.12 -33.35 -9.83
N VAL A 8 -5.30 -34.36 -10.07
CA VAL A 8 -5.74 -35.53 -10.82
C VAL A 8 -6.02 -36.72 -9.89
N LEU A 9 -7.16 -37.37 -10.10
CA LEU A 9 -7.57 -38.51 -9.28
C LEU A 9 -6.75 -39.77 -9.57
N HIS A 10 -6.23 -40.39 -8.51
CA HIS A 10 -5.56 -41.67 -8.62
C HIS A 10 -6.36 -42.73 -7.87
N GLU A 11 -7.00 -43.63 -8.62
CA GLU A 11 -7.75 -44.72 -8.01
C GLU A 11 -6.86 -45.84 -7.47
N LYS A 12 -5.72 -46.06 -8.13
CA LYS A 12 -4.85 -47.18 -7.77
C LYS A 12 -4.31 -46.99 -6.35
N PRO A 13 -4.37 -48.04 -5.51
CA PRO A 13 -3.93 -48.01 -4.11
C PRO A 13 -2.42 -47.86 -4.00
N MET A 14 -1.95 -47.10 -3.01
CA MET A 14 -0.52 -46.93 -2.78
C MET A 14 -0.25 -46.98 -1.29
N THR A 15 0.74 -47.76 -0.90
CA THR A 15 1.11 -47.88 0.51
C THR A 15 2.29 -46.96 0.84
N VAL A 16 2.14 -46.20 1.93
CA VAL A 16 3.18 -45.25 2.31
C VAL A 16 3.47 -45.35 3.80
N MET A 17 4.66 -44.90 4.20
CA MET A 17 4.94 -44.75 5.60
C MET A 17 4.84 -43.28 5.95
N VAL A 18 4.08 -42.99 7.01
CA VAL A 18 3.96 -41.65 7.53
C VAL A 18 5.26 -41.20 8.22
N LEU A 19 5.82 -40.09 7.73
CA LEU A 19 7.05 -39.54 8.33
C LEU A 19 6.69 -38.51 9.41
N THR A 20 5.85 -37.53 9.06
CA THR A 20 5.46 -36.46 9.98
C THR A 20 4.05 -35.99 9.65
N ALA A 21 3.38 -35.35 10.61
CA ALA A 21 2.10 -34.69 10.34
C ALA A 21 1.91 -33.55 11.31
N THR A 22 1.27 -32.48 10.86
CA THR A 22 0.97 -31.35 11.72
C THR A 22 -0.28 -31.61 12.51
N GLU A 23 -0.51 -30.81 13.54
CA GLU A 23 -1.80 -30.70 14.19
C GLU A 23 -2.83 -30.24 13.15
N PRO A 24 -4.12 -30.55 13.36
CA PRO A 24 -5.11 -29.98 12.45
C PRO A 24 -5.27 -28.48 12.68
N PHE A 25 -5.69 -27.75 11.66
CA PHE A 25 -5.87 -26.31 11.82
C PHE A 25 -6.95 -25.80 10.89
N ASN A 26 -7.49 -24.63 11.19
CA ASN A 26 -8.50 -24.05 10.33
C ASN A 26 -7.80 -23.32 9.18
N TYR A 27 -8.09 -23.75 7.95
CA TYR A 27 -7.50 -23.11 6.77
C TYR A 27 -8.45 -22.10 6.12
N LYS A 28 -9.76 -22.31 6.31
CA LYS A 28 -10.76 -21.38 5.77
C LYS A 28 -12.00 -21.36 6.66
N GLU A 29 -12.46 -20.17 7.02
CA GLU A 29 -13.60 -20.07 7.92
C GLU A 29 -14.82 -20.80 7.37
N GLY A 30 -15.55 -21.47 8.26
CA GLY A 30 -16.70 -22.23 7.86
C GLY A 30 -16.39 -23.61 7.31
N LYS A 31 -15.11 -23.89 7.07
CA LYS A 31 -14.69 -25.19 6.58
C LYS A 31 -14.03 -26.05 7.66
N GLU A 32 -14.13 -27.38 7.48
CA GLU A 32 -13.50 -28.34 8.37
C GLU A 32 -11.99 -28.13 8.39
N ASN A 33 -11.36 -28.49 9.49
CA ASN A 33 -9.91 -28.42 9.64
C ASN A 33 -9.19 -29.32 8.66
N MET A 34 -7.92 -29.01 8.41
CA MET A 34 -7.02 -29.86 7.64
C MET A 34 -5.70 -30.05 8.39
N PHE A 35 -4.85 -30.97 7.93
CA PHE A 35 -3.48 -31.00 8.42
C PHE A 35 -2.54 -31.34 7.27
N HIS A 36 -1.26 -31.03 7.45
CA HIS A 36 -0.22 -31.40 6.49
C HIS A 36 0.47 -32.65 6.99
N ALA A 37 0.95 -33.48 6.06
CA ALA A 37 1.75 -34.63 6.42
C ALA A 37 2.83 -34.83 5.36
N THR A 38 3.86 -35.58 5.75
CA THR A 38 4.82 -36.07 4.78
C THR A 38 4.86 -37.58 4.90
N VAL A 39 4.81 -38.26 3.76
CA VAL A 39 4.82 -39.72 3.74
C VAL A 39 5.85 -40.16 2.72
N ALA A 40 6.18 -41.44 2.71
CA ALA A 40 7.22 -41.94 1.82
C ALA A 40 6.98 -43.39 1.36
N THR A 41 7.43 -43.67 0.14
CA THR A 41 7.44 -45.03 -0.36
C THR A 41 8.89 -45.48 -0.36
N GLU A 42 9.17 -46.62 -0.98
CA GLU A 42 10.54 -47.08 -1.06
C GLU A 42 11.35 -46.18 -1.97
N SER A 43 10.70 -45.39 -2.82
CA SER A 43 11.45 -44.59 -3.79
C SER A 43 11.21 -43.06 -3.81
N LYS A 44 10.27 -42.56 -3.03
CA LYS A 44 9.94 -41.14 -3.14
C LYS A 44 9.23 -40.67 -1.88
N TYR A 45 9.44 -39.42 -1.46
CA TYR A 45 8.59 -38.85 -0.41
C TYR A 45 7.53 -37.92 -1.05
N TYR A 46 6.39 -37.77 -0.38
CA TYR A 46 5.29 -36.92 -0.83
C TYR A 46 4.87 -35.97 0.29
N ARG A 47 4.67 -34.69 -0.03
CA ARG A 47 3.88 -33.79 0.81
C ARG A 47 2.41 -34.13 0.62
N VAL A 48 1.63 -34.05 1.70
CA VAL A 48 0.24 -34.48 1.63
C VAL A 48 -0.64 -33.48 2.34
N LYS A 49 -1.76 -33.11 1.72
CA LYS A 49 -2.73 -32.25 2.37
C LYS A 49 -3.94 -33.12 2.72
N VAL A 50 -4.25 -33.19 4.00
CA VAL A 50 -5.32 -34.09 4.48
C VAL A 50 -6.52 -33.28 4.95
N PHE A 51 -7.68 -33.51 4.33
CA PHE A 51 -8.91 -32.75 4.63
C PHE A 51 -9.96 -33.56 5.38
N ASN A 52 -9.67 -34.83 5.64
CA ASN A 52 -10.59 -35.70 6.40
C ASN A 52 -10.04 -35.90 7.82
N MET A 53 -10.62 -35.20 8.80
CA MET A 53 -10.16 -35.33 10.18
C MET A 53 -10.46 -36.69 10.84
N ASP A 54 -11.18 -37.55 10.15
CA ASP A 54 -11.31 -38.94 10.57
C ASP A 54 -9.96 -39.66 10.55
N LEU A 55 -9.01 -39.06 9.83
CA LEU A 55 -7.75 -39.73 9.55
C LEU A 55 -6.59 -39.31 10.47
N LYS A 56 -6.88 -38.51 11.49
CA LYS A 56 -5.84 -37.98 12.38
C LYS A 56 -4.99 -39.11 12.94
N GLU A 57 -5.66 -40.10 13.50
CA GLU A 57 -5.01 -41.26 14.11
C GLU A 57 -4.19 -42.08 13.12
N LYS A 58 -4.69 -42.26 11.91
CA LYS A 58 -3.96 -43.04 10.92
C LYS A 58 -2.67 -42.35 10.48
N PHE A 59 -2.64 -41.02 10.55
CA PHE A 59 -1.39 -40.29 10.30
C PHE A 59 -0.51 -40.15 11.55
N THR A 60 -0.16 -41.29 12.12
CA THR A 60 0.77 -41.34 13.23
C THR A 60 2.14 -41.68 12.66
N GLU A 61 3.18 -41.06 13.21
CA GLU A 61 4.54 -41.26 12.73
C GLU A 61 4.94 -42.74 12.67
N ASN A 62 5.57 -43.12 11.55
CA ASN A 62 6.05 -44.48 11.29
C ASN A 62 4.97 -45.51 10.96
N LYS A 63 3.70 -45.10 10.95
CA LYS A 63 2.63 -45.99 10.57
C LYS A 63 2.62 -46.22 9.05
N PHE A 64 2.28 -47.43 8.63
CA PHE A 64 2.10 -47.69 7.21
C PHE A 64 0.62 -47.72 6.86
N ILE A 65 0.22 -46.95 5.87
CA ILE A 65 -1.18 -46.87 5.47
C ILE A 65 -1.30 -47.05 3.97
N THR A 66 -2.47 -47.48 3.52
CA THR A 66 -2.71 -47.65 2.10
C THR A 66 -3.76 -46.65 1.67
N ILE A 67 -3.41 -45.79 0.73
CA ILE A 67 -4.31 -44.75 0.28
C ILE A 67 -4.77 -44.97 -1.17
N SER A 68 -6.04 -44.71 -1.42
CA SER A 68 -6.56 -44.79 -2.79
C SER A 68 -7.62 -43.71 -3.03
N LYS A 69 -7.89 -43.43 -4.30
CA LYS A 69 -8.81 -42.37 -4.69
C LYS A 69 -8.39 -41.05 -4.07
N TYR A 70 -7.08 -40.84 -4.01
CA TYR A 70 -6.49 -39.57 -3.60
C TYR A 70 -6.23 -38.74 -4.85
N PHE A 71 -5.83 -37.47 -4.66
CA PHE A 71 -5.59 -36.58 -5.79
C PHE A 71 -4.12 -36.17 -5.83
N ASN A 72 -3.61 -35.94 -7.02
CA ASN A 72 -2.21 -35.54 -7.19
C ASN A 72 -2.20 -34.20 -7.90
N SER A 73 -1.64 -33.19 -7.24
CA SER A 73 -1.50 -31.88 -7.85
C SER A 73 -0.04 -31.50 -7.93
N SER A 74 0.59 -31.72 -9.09
CA SER A 74 2.01 -31.44 -9.26
C SER A 74 2.90 -32.08 -8.19
N GLY A 75 2.57 -33.31 -7.80
CA GLY A 75 3.39 -34.06 -6.87
C GLY A 75 2.96 -33.92 -5.42
N ILE A 76 2.06 -32.98 -5.16
CA ILE A 76 1.51 -32.80 -3.82
C ILE A 76 0.23 -33.62 -3.76
N LEU A 77 0.10 -34.51 -2.77
CA LEU A 77 -1.09 -35.35 -2.70
C LEU A 77 -2.19 -34.69 -1.89
N GLU A 78 -3.44 -34.94 -2.28
CA GLU A 78 -4.57 -34.45 -1.51
C GLU A 78 -5.42 -35.64 -1.12
N ILE A 79 -5.76 -35.71 0.16
CA ILE A 79 -6.62 -36.77 0.67
C ILE A 79 -7.86 -36.12 1.22
N ASN A 80 -8.98 -36.36 0.55
CA ASN A 80 -10.21 -35.76 1.01
C ASN A 80 -11.27 -36.81 1.28
N GLU A 81 -12.50 -36.36 1.46
CA GLU A 81 -13.61 -37.22 1.86
C GLU A 81 -13.82 -38.47 1.00
N THR A 82 -13.44 -38.39 -0.27
CA THR A 82 -13.67 -39.51 -1.18
C THR A 82 -12.55 -40.56 -1.15
N ALA A 83 -11.39 -40.22 -0.58
CA ALA A 83 -10.31 -41.20 -0.49
C ALA A 83 -10.64 -42.37 0.44
N THR A 84 -9.97 -43.50 0.18
CA THR A 84 -9.98 -44.65 1.10
C THR A 84 -8.58 -44.78 1.69
N VAL A 85 -8.51 -44.86 3.01
CA VAL A 85 -7.24 -44.97 3.72
C VAL A 85 -7.36 -46.09 4.74
N SER A 86 -6.50 -47.09 4.64
CA SER A 86 -6.52 -48.20 5.60
C SER A 86 -5.12 -48.51 6.09
N GLU A 87 -5.02 -49.15 7.24
CA GLU A 87 -3.72 -49.58 7.76
C GLU A 87 -3.18 -50.65 6.82
N ALA A 88 -1.88 -50.58 6.54
CA ALA A 88 -1.26 -51.52 5.63
C ALA A 88 -1.06 -52.88 6.31
N ALA A 89 -1.15 -53.94 5.53
CA ALA A 89 -0.80 -55.27 6.03
C ALA A 89 0.71 -55.31 6.27
N PRO A 90 1.15 -56.19 7.19
CA PRO A 90 2.58 -56.34 7.47
C PRO A 90 3.40 -56.70 6.24
N ASN A 91 2.75 -57.30 5.25
CA ASN A 91 3.42 -57.73 4.03
C ASN A 91 3.51 -56.62 2.99
N GLN A 92 2.94 -55.47 3.31
CA GLN A 92 2.93 -54.34 2.41
C GLN A 92 3.96 -53.30 2.86
N MET A 93 4.59 -53.58 4.00
CA MET A 93 5.54 -52.68 4.60
C MET A 93 6.91 -52.81 3.95
N PHE A 94 7.77 -51.82 4.19
CA PHE A 94 9.07 -51.78 3.55
C PHE A 94 9.97 -50.83 4.30
N GLU A 95 11.24 -50.77 3.90
CA GLU A 95 12.18 -49.82 4.48
C GLU A 95 12.33 -48.61 3.58
N VAL A 96 12.24 -47.42 4.16
CA VAL A 96 12.47 -46.21 3.38
C VAL A 96 13.96 -45.86 3.40
N PRO A 97 14.56 -45.70 2.20
CA PRO A 97 15.99 -45.40 2.11
C PRO A 97 16.33 -44.12 2.86
N LYS A 98 17.53 -44.10 3.42
CA LYS A 98 17.99 -42.97 4.24
C LYS A 98 17.99 -41.66 3.46
N ASN A 99 18.43 -41.69 2.21
CA ASN A 99 18.43 -40.50 1.38
C ASN A 99 17.02 -39.91 1.21
N ILE A 100 16.02 -40.79 1.17
CA ILE A 100 14.62 -40.34 1.01
C ILE A 100 14.11 -39.70 2.30
N ILE A 101 14.37 -40.35 3.44
CA ILE A 101 14.07 -39.74 4.73
C ILE A 101 14.78 -38.38 4.89
N ARG A 102 16.07 -38.34 4.53
CA ARG A 102 16.83 -37.11 4.65
C ARG A 102 16.25 -35.99 3.79
N SER A 103 15.97 -36.30 2.53
CA SER A 103 15.42 -35.32 1.61
C SER A 103 14.06 -34.84 2.08
N ALA A 104 13.29 -35.74 2.66
CA ALA A 104 11.94 -35.39 3.08
C ALA A 104 11.95 -34.34 4.20
N LYS A 105 13.00 -34.35 5.03
CA LYS A 105 13.05 -33.40 6.14
C LYS A 105 13.97 -32.20 5.90
N GLU A 106 14.57 -32.14 4.73
CA GLU A 106 15.55 -31.09 4.43
C GLU A 106 14.88 -29.79 4.00
N THR A 107 15.55 -28.68 4.24
CA THR A 107 15.02 -27.38 3.79
C THR A 107 15.94 -26.83 2.71
N LEU A 108 15.39 -26.47 1.55
CA LEU A 108 16.22 -25.93 0.47
C LEU A 108 16.87 -24.59 0.87
N LYS A 109 18.03 -24.30 0.30
CA LYS A 109 18.64 -22.98 0.46
C LYS A 109 17.69 -21.92 -0.14
N ILE A 110 17.67 -20.73 0.46
CA ILE A 110 16.77 -19.69 -0.05
C ILE A 110 17.13 -19.27 -1.48
N SER A 111 18.44 -19.24 -1.77
CA SER A 111 18.93 -18.91 -3.11
C SER A 111 18.39 -19.88 -4.17
N LYS A 112 18.23 -21.14 -3.77
CA LYS A 112 17.70 -22.18 -4.66
C LYS A 112 16.19 -22.08 -4.82
N ILE A 113 15.52 -21.78 -3.71
CA ILE A 113 14.09 -21.56 -3.73
C ILE A 113 13.78 -20.48 -4.77
N LYS A 114 14.60 -19.42 -4.79
CA LYS A 114 14.34 -18.30 -5.67
C LYS A 114 14.42 -18.65 -7.17
N GLU A 115 15.02 -19.80 -7.49
CA GLU A 115 15.20 -20.24 -8.88
C GLU A 115 14.01 -21.06 -9.40
N LEU A 116 13.12 -21.43 -8.49
CA LEU A 116 11.97 -22.23 -8.85
C LEU A 116 10.92 -21.40 -9.60
N ASP A 117 9.92 -22.08 -10.13
CA ASP A 117 8.83 -21.41 -10.85
C ASP A 117 7.86 -20.74 -9.91
N SER A 118 7.29 -19.61 -10.36
CA SER A 118 6.25 -18.93 -9.61
C SER A 118 5.08 -19.86 -9.34
N GLY A 119 4.57 -19.84 -8.12
CA GLY A 119 3.45 -20.69 -7.78
C GLY A 119 3.84 -22.01 -7.14
N THR A 120 5.13 -22.33 -7.20
CA THR A 120 5.64 -23.55 -6.58
C THR A 120 5.36 -23.51 -5.07
N LEU A 121 4.87 -24.61 -4.52
CA LEU A 121 4.65 -24.68 -3.08
C LEU A 121 5.96 -24.92 -2.35
N ILE A 122 6.21 -24.09 -1.34
CA ILE A 122 7.45 -24.10 -0.56
C ILE A 122 7.20 -24.55 0.89
N TYR A 123 8.00 -25.50 1.37
CA TYR A 123 7.92 -25.99 2.74
C TYR A 123 9.32 -25.87 3.31
N GLY A 124 9.43 -25.63 4.62
CA GLY A 124 10.75 -25.65 5.25
C GLY A 124 10.83 -24.95 6.58
N VAL A 125 12.00 -25.04 7.20
CA VAL A 125 12.26 -24.40 8.50
C VAL A 125 13.39 -23.39 8.35
N PHE A 126 13.14 -22.15 8.75
CA PHE A 126 14.10 -21.06 8.50
C PHE A 126 14.35 -20.18 9.72
N ALA A 127 15.57 -19.68 9.86
CA ALA A 127 15.87 -18.63 10.84
C ALA A 127 15.09 -17.36 10.50
N VAL A 128 14.66 -16.65 11.53
CA VAL A 128 13.93 -15.39 11.34
C VAL A 128 14.82 -14.20 11.71
N GLU A 129 14.93 -13.24 10.80
CA GLU A 129 15.71 -12.03 11.08
C GLU A 129 14.81 -10.94 11.69
N LYS A 130 13.56 -10.88 11.22
CA LYS A 130 12.61 -9.91 11.72
C LYS A 130 11.17 -10.32 11.46
N LYS A 131 10.28 -9.88 12.35
CA LYS A 131 8.84 -10.07 12.22
C LYS A 131 8.17 -8.71 12.30
N LYS A 132 7.20 -8.48 11.42
CA LYS A 132 6.51 -7.20 11.34
C LYS A 132 5.02 -7.51 11.33
N VAL A 133 4.27 -6.95 12.26
CA VAL A 133 2.82 -7.16 12.29
C VAL A 133 2.10 -5.96 11.69
N ASN A 134 1.32 -6.19 10.62
CA ASN A 134 0.50 -5.13 10.05
C ASN A 134 -0.98 -5.43 10.28
N ASP A 135 -1.86 -4.50 9.94
CA ASP A 135 -3.29 -4.75 10.05
C ASP A 135 -3.80 -5.89 9.14
N LYS A 136 -3.31 -5.95 7.90
CA LYS A 136 -3.83 -6.94 6.94
C LYS A 136 -2.88 -8.09 6.67
N SER A 137 -1.71 -8.05 7.29
CA SER A 137 -0.73 -9.10 7.06
C SER A 137 0.30 -9.17 8.18
N ILE A 138 0.97 -10.32 8.29
CA ILE A 138 2.17 -10.41 9.08
C ILE A 138 3.31 -10.75 8.13
N THR A 139 4.43 -10.03 8.23
CA THR A 139 5.56 -10.38 7.39
C THR A 139 6.74 -10.83 8.23
N PHE A 140 7.55 -11.70 7.64
CA PHE A 140 8.78 -12.18 8.23
C PHE A 140 9.91 -11.99 7.26
N LYS A 141 11.07 -11.58 7.74
CA LYS A 141 12.29 -11.76 6.97
C LYS A 141 12.97 -13.04 7.44
N ILE A 142 13.04 -14.05 6.58
CA ILE A 142 13.73 -15.29 6.92
C ILE A 142 15.08 -15.34 6.22
N LYS A 143 15.99 -16.15 6.73
CA LYS A 143 17.34 -16.11 6.18
C LYS A 143 18.03 -17.43 6.41
N ASP A 144 19.12 -17.65 5.67
CA ASP A 144 20.07 -18.73 5.95
C ASP A 144 21.47 -18.22 5.75
N ASN A 145 22.39 -19.17 5.57
CA ASN A 145 23.81 -18.93 5.31
C ASN A 145 24.09 -17.83 4.31
N GLU A 146 23.28 -17.79 3.27
CA GLU A 146 23.66 -17.14 2.02
C GLU A 146 22.68 -16.06 1.57
N ASP A 147 21.42 -16.19 1.95
CA ASP A 147 20.42 -15.32 1.35
C ASP A 147 19.23 -15.11 2.28
N ASN A 148 18.32 -14.23 1.87
CA ASN A 148 17.14 -13.91 2.66
C ASN A 148 15.94 -13.69 1.76
N ILE A 149 14.75 -13.80 2.33
CA ILE A 149 13.54 -13.58 1.56
C ILE A 149 12.40 -13.18 2.50
N LYS A 150 11.44 -12.43 1.96
CA LYS A 150 10.25 -12.05 2.73
C LYS A 150 9.15 -13.12 2.66
N VAL A 151 8.55 -13.39 3.82
CA VAL A 151 7.41 -14.27 3.92
C VAL A 151 6.19 -13.41 4.24
N VAL A 152 5.10 -13.57 3.48
CA VAL A 152 3.90 -12.77 3.67
C VAL A 152 2.71 -13.66 4.03
N TRP A 153 2.11 -13.41 5.19
CA TRP A 153 0.92 -14.11 5.60
C TRP A 153 -0.19 -13.10 5.65
N ASP A 154 -1.23 -13.26 4.84
CA ASP A 154 -2.29 -12.25 4.79
C ASP A 154 -3.62 -12.78 5.29
N LYS A 155 -3.56 -13.89 6.05
CA LYS A 155 -4.77 -14.53 6.54
C LYS A 155 -5.01 -14.22 8.02
N GLU A 156 -5.87 -15.00 8.67
CA GLU A 156 -6.20 -14.80 10.08
C GLU A 156 -4.93 -14.86 10.93
N GLN A 157 -4.77 -13.92 11.86
CA GLN A 157 -3.54 -13.83 12.64
C GLN A 157 -3.67 -14.43 14.04
N HIS A 158 -4.91 -14.58 14.51
CA HIS A 158 -5.17 -14.92 15.93
C HIS A 158 -4.48 -16.21 16.42
N ASN A 159 -4.39 -17.20 15.54
CA ASN A 159 -4.02 -18.56 15.97
C ASN A 159 -2.58 -18.95 15.64
N ILE A 160 -1.82 -18.00 15.11
CA ILE A 160 -0.41 -18.26 14.87
C ILE A 160 0.32 -18.44 16.19
N ASN A 161 0.94 -19.60 16.36
CA ASN A 161 1.80 -19.86 17.50
C ASN A 161 3.26 -19.60 17.09
N TYR A 162 3.75 -18.38 17.36
CA TYR A 162 5.14 -18.04 17.11
C TYR A 162 5.68 -17.16 18.25
N GLU A 163 6.83 -17.55 18.82
CA GLU A 163 7.45 -16.78 19.89
C GLU A 163 8.83 -16.23 19.48
N LYS A 164 9.16 -15.06 20.02
CA LYS A 164 10.42 -14.37 19.72
C LYS A 164 11.62 -15.31 19.78
N GLY A 165 12.38 -15.34 18.68
CA GLY A 165 13.59 -16.15 18.64
C GLY A 165 13.40 -17.53 18.01
N ASP A 166 12.15 -17.99 17.93
CA ASP A 166 11.83 -19.27 17.29
C ASP A 166 12.34 -19.30 15.84
N LYS A 167 12.66 -20.50 15.35
CA LYS A 167 12.76 -20.71 13.91
C LYS A 167 11.34 -20.76 13.36
N LEU A 168 11.18 -20.56 12.06
CA LEU A 168 9.84 -20.49 11.48
C LEU A 168 9.61 -21.71 10.58
N GLN A 169 8.53 -22.45 10.84
CA GLN A 169 8.15 -23.58 10.00
C GLN A 169 7.07 -23.17 9.01
N LEU A 170 7.34 -23.41 7.75
CA LEU A 170 6.45 -23.00 6.68
C LEU A 170 5.92 -24.24 5.98
N PHE A 171 4.61 -24.28 5.75
CA PHE A 171 4.00 -25.36 4.97
C PHE A 171 3.17 -24.78 3.86
N SER A 172 3.41 -25.26 2.64
CA SER A 172 2.59 -24.88 1.49
C SER A 172 2.49 -23.36 1.30
N PHE A 173 3.63 -22.69 1.34
CA PHE A 173 3.65 -21.29 0.91
C PHE A 173 3.91 -21.20 -0.59
N HIS A 174 3.52 -20.09 -1.21
CA HIS A 174 3.62 -19.95 -2.65
C HIS A 174 4.77 -19.03 -3.00
N LEU A 175 5.68 -19.49 -3.85
CA LEU A 175 6.70 -18.61 -4.40
C LEU A 175 6.09 -17.61 -5.40
N ARG A 176 6.33 -16.34 -5.17
CA ARG A 176 5.98 -15.33 -6.15
C ARG A 176 7.26 -14.64 -6.55
N LYS A 177 7.60 -14.69 -7.83
CA LYS A 177 8.88 -14.17 -8.28
C LYS A 177 8.77 -12.68 -8.54
N GLY A 178 7.53 -12.23 -8.70
CA GLY A 178 7.23 -10.87 -9.08
C GLY A 178 7.98 -10.55 -10.36
N ASN A 179 9.08 -9.82 -10.20
CA ASN A 179 9.86 -9.40 -11.33
C ASN A 179 11.27 -9.13 -10.83
N GLY A 180 11.85 -10.15 -10.20
CA GLY A 180 13.18 -10.04 -9.63
C GLY A 180 13.14 -9.73 -8.15
N LYS A 181 11.93 -9.60 -7.62
CA LYS A 181 11.71 -9.27 -6.22
C LYS A 181 10.88 -10.37 -5.58
N PRO A 182 11.48 -11.55 -5.37
CA PRO A 182 10.64 -12.69 -5.00
C PRO A 182 10.22 -12.71 -3.53
N ILE A 183 9.05 -13.26 -3.25
CA ILE A 183 8.61 -13.47 -1.88
C ILE A 183 7.92 -14.83 -1.76
N LEU A 184 7.65 -15.21 -0.52
CA LEU A 184 6.82 -16.37 -0.22
C LEU A 184 5.51 -15.84 0.36
N HIS A 185 4.38 -16.29 -0.19
CA HIS A 185 3.10 -15.71 0.17
C HIS A 185 2.19 -16.84 0.61
N SER A 186 1.40 -16.61 1.65
CA SER A 186 0.41 -17.60 2.05
C SER A 186 -0.58 -17.87 0.92
N GLY A 187 -1.12 -19.08 0.94
CA GLY A 187 -2.22 -19.46 0.07
C GLY A 187 -3.32 -20.17 0.85
N ASN A 188 -4.20 -20.85 0.12
CA ASN A 188 -5.40 -21.44 0.69
C ASN A 188 -5.10 -22.41 1.86
N HIS A 189 -3.99 -23.14 1.76
CA HIS A 189 -3.70 -24.25 2.68
C HIS A 189 -2.44 -24.02 3.50
N SER A 190 -1.92 -22.79 3.49
CA SER A 190 -0.65 -22.49 4.14
C SER A 190 -0.74 -22.62 5.65
N PHE A 191 0.37 -23.02 6.25
CA PHE A 191 0.41 -23.14 7.70
C PHE A 191 1.77 -22.67 8.15
N ILE A 192 1.78 -22.06 9.31
CA ILE A 192 2.98 -21.42 9.77
C ILE A 192 3.02 -21.64 11.28
N LYS A 193 4.20 -21.98 11.78
CA LYS A 193 4.36 -22.22 13.20
C LYS A 193 5.81 -22.01 13.61
N GLY A 194 6.03 -21.48 14.81
CA GLY A 194 7.38 -21.39 15.34
C GLY A 194 7.91 -22.77 15.73
N GLU A 195 9.21 -22.98 15.63
CA GLU A 195 9.81 -24.23 16.11
C GLU A 195 10.71 -24.01 17.32
N GLY B 6 14.41 29.31 3.35
CA GLY B 6 13.82 30.06 4.44
C GLY B 6 13.11 31.35 4.02
N ALA B 7 12.06 31.70 4.74
CA ALA B 7 11.24 32.87 4.41
C ALA B 7 11.90 34.20 4.82
N VAL B 8 11.70 35.24 4.02
CA VAL B 8 12.34 36.53 4.23
C VAL B 8 11.37 37.54 4.82
N LEU B 9 11.76 38.20 5.90
CA LEU B 9 10.89 39.22 6.52
C LEU B 9 11.05 40.56 5.83
N HIS B 10 9.93 41.15 5.44
CA HIS B 10 9.92 42.46 4.79
C HIS B 10 9.25 43.46 5.72
N GLU B 11 10.07 44.29 6.36
CA GLU B 11 9.54 45.26 7.32
C GLU B 11 8.96 46.48 6.61
N LYS B 12 9.42 46.73 5.39
CA LYS B 12 8.98 47.90 4.67
C LYS B 12 7.63 47.67 4.01
N PRO B 13 6.78 48.71 4.00
CA PRO B 13 5.42 48.68 3.45
C PRO B 13 5.35 48.50 1.94
N MET B 14 4.35 47.72 1.52
CA MET B 14 4.03 47.52 0.12
C MET B 14 2.52 47.61 -0.05
N THR B 15 2.09 48.43 -0.99
CA THR B 15 0.67 48.59 -1.25
C THR B 15 0.27 47.66 -2.38
N VAL B 16 -0.79 46.88 -2.16
CA VAL B 16 -1.30 45.96 -3.19
C VAL B 16 -2.81 46.09 -3.37
N MET B 17 -3.29 45.64 -4.53
CA MET B 17 -4.72 45.52 -4.72
C MET B 17 -5.10 44.07 -4.54
N VAL B 18 -6.13 43.83 -3.76
CA VAL B 18 -6.67 42.47 -3.60
C VAL B 18 -7.43 42.01 -4.84
N LEU B 19 -7.06 40.86 -5.37
CA LEU B 19 -7.67 40.33 -6.57
C LEU B 19 -8.73 39.29 -6.25
N THR B 20 -8.38 38.32 -5.40
CA THR B 20 -9.30 37.26 -5.01
C THR B 20 -8.91 36.80 -3.60
N ALA B 21 -9.82 36.12 -2.93
CA ALA B 21 -9.51 35.51 -1.64
C ALA B 21 -10.53 34.42 -1.35
N THR B 22 -10.08 33.35 -0.72
CA THR B 22 -10.98 32.26 -0.33
C THR B 22 -11.65 32.56 1.01
N GLU B 23 -12.67 31.78 1.34
CA GLU B 23 -13.21 31.80 2.68
C GLU B 23 -12.16 31.18 3.58
N PRO B 24 -12.22 31.49 4.88
CA PRO B 24 -11.27 30.86 5.79
C PRO B 24 -11.54 29.37 5.95
N PHE B 25 -10.49 28.60 6.23
CA PHE B 25 -10.66 27.17 6.47
C PHE B 25 -9.66 26.68 7.50
N ASN B 26 -9.98 25.54 8.10
CA ASN B 26 -9.10 24.91 9.08
C ASN B 26 -8.00 24.12 8.36
N TYR B 27 -6.75 24.52 8.57
CA TYR B 27 -5.65 23.89 7.87
C TYR B 27 -4.90 22.88 8.75
N LYS B 28 -5.05 23.02 10.06
CA LYS B 28 -4.35 22.15 10.98
C LYS B 28 -5.12 22.13 12.29
N GLU B 29 -5.29 20.94 12.85
CA GLU B 29 -6.05 20.79 14.08
C GLU B 29 -5.42 21.63 15.21
N GLY B 30 -6.27 22.39 15.90
CA GLY B 30 -5.80 23.22 16.99
C GLY B 30 -5.26 24.57 16.55
N LYS B 31 -5.29 24.83 15.24
CA LYS B 31 -4.84 26.12 14.73
C LYS B 31 -6.00 27.01 14.29
N GLU B 32 -5.79 28.32 14.41
CA GLU B 32 -6.69 29.33 13.85
C GLU B 32 -6.84 29.09 12.35
N ASN B 33 -7.99 29.46 11.79
CA ASN B 33 -8.18 29.32 10.35
C ASN B 33 -7.23 30.18 9.55
N MET B 34 -7.11 29.86 8.26
CA MET B 34 -6.35 30.67 7.33
C MET B 34 -7.20 30.87 6.08
N PHE B 35 -6.78 31.78 5.21
CA PHE B 35 -7.30 31.79 3.85
C PHE B 35 -6.24 32.10 2.83
N HIS B 36 -6.54 31.81 1.57
CA HIS B 36 -5.64 32.13 0.47
C HIS B 36 -6.14 33.39 -0.19
N ALA B 37 -5.22 34.18 -0.72
CA ALA B 37 -5.63 35.32 -1.54
C ALA B 37 -4.63 35.53 -2.66
N THR B 38 -5.02 36.35 -3.64
CA THR B 38 -4.09 36.82 -4.65
C THR B 38 -4.17 38.35 -4.70
N VAL B 39 -3.01 39.02 -4.78
CA VAL B 39 -2.94 40.49 -4.78
C VAL B 39 -1.98 40.93 -5.87
N ALA B 40 -1.97 42.23 -6.18
CA ALA B 40 -1.12 42.69 -7.27
C ALA B 40 -0.59 44.10 -7.03
N THR B 41 0.63 44.36 -7.49
CA THR B 41 1.13 45.73 -7.61
C THR B 41 0.98 46.17 -9.06
N GLU B 42 1.63 47.29 -9.41
CA GLU B 42 1.64 47.78 -10.78
C GLU B 42 2.40 46.82 -11.67
N SER B 43 3.27 46.03 -11.06
CA SER B 43 4.27 45.28 -11.80
C SER B 43 4.24 43.76 -11.62
N LYS B 44 3.54 43.26 -10.60
CA LYS B 44 3.60 41.85 -10.27
C LYS B 44 2.37 41.38 -9.46
N TYR B 45 1.99 40.13 -9.62
CA TYR B 45 0.99 39.58 -8.74
C TYR B 45 1.66 38.67 -7.71
N TYR B 46 1.01 38.48 -6.57
CA TYR B 46 1.50 37.57 -5.55
C TYR B 46 0.36 36.72 -5.03
N ARG B 47 0.63 35.43 -4.83
CA ARG B 47 -0.25 34.59 -4.03
C ARG B 47 0.07 34.85 -2.57
N VAL B 48 -0.94 34.78 -1.72
CA VAL B 48 -0.80 35.19 -0.34
C VAL B 48 -1.49 34.18 0.55
N LYS B 49 -0.89 33.93 1.71
CA LYS B 49 -1.50 33.10 2.74
C LYS B 49 -1.69 33.95 4.00
N VAL B 50 -2.93 34.02 4.48
CA VAL B 50 -3.26 34.91 5.59
C VAL B 50 -3.68 34.06 6.78
N PHE B 51 -3.04 34.31 7.94
CA PHE B 51 -3.23 33.49 9.12
C PHE B 51 -3.90 34.25 10.26
N ASN B 52 -4.00 35.57 10.10
CA ASN B 52 -4.72 36.40 11.06
C ASN B 52 -6.12 36.69 10.52
N MET B 53 -7.12 36.05 11.11
CA MET B 53 -8.50 36.19 10.65
C MET B 53 -9.15 37.55 10.95
N ASP B 54 -8.45 38.41 11.69
CA ASP B 54 -8.93 39.78 11.88
C ASP B 54 -8.87 40.56 10.57
N LEU B 55 -8.14 40.03 9.61
CA LEU B 55 -7.88 40.73 8.36
C LEU B 55 -8.85 40.35 7.25
N LYS B 56 -9.83 39.50 7.52
CA LYS B 56 -10.65 38.98 6.42
C LYS B 56 -11.41 40.05 5.65
N GLU B 57 -11.99 41.02 6.35
CA GLU B 57 -12.74 42.07 5.70
C GLU B 57 -11.83 42.94 4.82
N LYS B 58 -10.55 42.99 5.19
CA LYS B 58 -9.58 43.77 4.42
C LYS B 58 -9.28 43.14 3.06
N PHE B 59 -9.47 41.83 2.97
CA PHE B 59 -9.19 41.08 1.75
C PHE B 59 -10.45 40.88 0.93
N THR B 60 -11.01 42.00 0.49
CA THR B 60 -12.17 42.00 -0.39
C THR B 60 -11.67 42.44 -1.76
N GLU B 61 -12.33 41.95 -2.80
CA GLU B 61 -11.99 42.27 -4.18
C GLU B 61 -11.83 43.76 -4.48
N ASN B 62 -10.73 44.08 -5.15
CA ASN B 62 -10.41 45.43 -5.62
C ASN B 62 -10.02 46.43 -4.54
N LYS B 63 -9.86 45.96 -3.30
CA LYS B 63 -9.45 46.83 -2.21
C LYS B 63 -7.95 47.05 -2.22
N PHE B 64 -7.51 48.26 -1.93
CA PHE B 64 -6.09 48.53 -1.86
C PHE B 64 -5.66 48.53 -0.41
N ILE B 65 -4.70 47.68 -0.09
CA ILE B 65 -4.19 47.59 1.27
C ILE B 65 -2.69 47.71 1.27
N THR B 66 -2.16 48.22 2.38
CA THR B 66 -0.73 48.42 2.54
C THR B 66 -0.25 47.43 3.58
N ILE B 67 0.73 46.62 3.20
CA ILE B 67 1.18 45.52 4.04
C ILE B 67 2.60 45.77 4.57
N SER B 68 2.84 45.47 5.84
CA SER B 68 4.20 45.57 6.37
C SER B 68 4.47 44.49 7.41
N LYS B 69 5.76 44.22 7.65
CA LYS B 69 6.21 43.14 8.52
C LYS B 69 5.59 41.82 8.09
N TYR B 70 5.69 41.51 6.81
CA TYR B 70 5.15 40.27 6.26
C TYR B 70 6.31 39.42 5.78
N PHE B 71 6.04 38.16 5.45
CA PHE B 71 7.08 37.25 4.99
C PHE B 71 6.95 36.92 3.51
N ASN B 72 8.08 36.82 2.83
CA ASN B 72 8.10 36.33 1.45
C ASN B 72 8.76 34.96 1.50
N SER B 73 7.98 33.93 1.21
CA SER B 73 8.48 32.55 1.24
C SER B 73 8.52 32.04 -0.19
N SER B 74 9.68 32.18 -0.82
CA SER B 74 9.89 31.77 -2.21
C SER B 74 8.78 32.29 -3.14
N GLY B 75 8.46 33.58 -3.01
CA GLY B 75 7.51 34.24 -3.89
C GLY B 75 6.08 34.31 -3.36
N ILE B 76 5.81 33.55 -2.31
CA ILE B 76 4.46 33.53 -1.73
C ILE B 76 4.48 34.39 -0.47
N LEU B 77 3.54 35.32 -0.36
CA LEU B 77 3.53 36.19 0.82
C LEU B 77 2.77 35.51 1.96
N GLU B 78 3.30 35.60 3.17
CA GLU B 78 2.60 35.03 4.30
C GLU B 78 2.35 36.12 5.34
N ILE B 79 1.09 36.28 5.71
CA ILE B 79 0.68 37.36 6.61
C ILE B 79 0.15 36.77 7.91
N ASN B 80 0.91 36.93 8.99
CA ASN B 80 0.45 36.46 10.30
C ASN B 80 0.20 37.59 11.30
N GLU B 81 0.08 37.23 12.58
CA GLU B 81 -0.30 38.19 13.61
C GLU B 81 0.66 39.38 13.72
N THR B 82 1.94 39.17 13.40
CA THR B 82 2.93 40.23 13.56
C THR B 82 2.89 41.29 12.44
N ALA B 83 2.24 40.96 11.32
CA ALA B 83 2.10 41.92 10.21
C ALA B 83 1.19 43.10 10.55
N THR B 84 1.41 44.22 9.86
CA THR B 84 0.51 45.37 9.87
C THR B 84 -0.16 45.48 8.50
N VAL B 85 -1.49 45.47 8.48
CA VAL B 85 -2.25 45.64 7.23
C VAL B 85 -3.16 46.87 7.33
N SER B 86 -2.93 47.87 6.49
CA SER B 86 -3.75 49.09 6.52
C SER B 86 -4.46 49.30 5.19
N GLU B 87 -5.55 50.03 5.23
CA GLU B 87 -6.17 50.54 4.01
C GLU B 87 -5.21 51.54 3.39
N ALA B 88 -5.03 51.46 2.07
CA ALA B 88 -4.08 52.31 1.38
C ALA B 88 -4.57 53.75 1.32
N ALA B 89 -3.63 54.68 1.36
CA ALA B 89 -3.95 56.06 1.03
C ALA B 89 -4.11 56.14 -0.49
N PRO B 90 -4.95 57.08 -0.95
CA PRO B 90 -5.18 57.28 -2.39
C PRO B 90 -3.88 57.46 -3.17
N ASN B 91 -2.91 58.19 -2.61
CA ASN B 91 -1.67 58.47 -3.31
C ASN B 91 -0.76 57.24 -3.48
N GLN B 92 -1.17 56.12 -2.89
CA GLN B 92 -0.45 54.86 -3.08
C GLN B 92 -1.25 53.92 -3.99
N MET B 93 -2.46 54.34 -4.36
CA MET B 93 -3.28 53.56 -5.31
C MET B 93 -2.70 53.66 -6.71
N PHE B 94 -3.07 52.70 -7.56
CA PHE B 94 -2.53 52.61 -8.91
C PHE B 94 -3.42 51.73 -9.75
N GLU B 95 -3.08 51.61 -11.02
CA GLU B 95 -3.82 50.74 -11.92
C GLU B 95 -3.03 49.47 -12.15
N VAL B 96 -3.64 48.33 -11.85
CA VAL B 96 -3.02 47.05 -12.15
C VAL B 96 -3.26 46.78 -13.62
N PRO B 97 -2.18 46.55 -14.39
CA PRO B 97 -2.37 46.33 -15.82
C PRO B 97 -3.14 45.05 -16.10
N LYS B 98 -3.79 45.02 -17.25
CA LYS B 98 -4.62 43.88 -17.62
C LYS B 98 -3.82 42.59 -17.71
N ASN B 99 -2.60 42.66 -18.21
CA ASN B 99 -1.80 41.43 -18.35
C ASN B 99 -1.38 40.86 -16.99
N ILE B 100 -1.22 41.72 -15.99
CA ILE B 100 -0.94 41.20 -14.65
C ILE B 100 -2.16 40.47 -14.08
N ILE B 101 -3.34 41.08 -14.18
CA ILE B 101 -4.57 40.43 -13.72
C ILE B 101 -4.80 39.08 -14.41
N ARG B 102 -4.58 39.04 -15.72
CA ARG B 102 -4.75 37.79 -16.47
C ARG B 102 -3.73 36.74 -16.04
N SER B 103 -2.50 37.17 -15.79
CA SER B 103 -1.46 36.21 -15.37
C SER B 103 -1.78 35.65 -14.00
N ALA B 104 -2.34 36.50 -13.13
CA ALA B 104 -2.72 36.09 -11.79
C ALA B 104 -3.77 34.98 -11.81
N LYS B 105 -4.62 35.01 -12.84
CA LYS B 105 -5.74 34.09 -12.98
C LYS B 105 -5.40 32.84 -13.79
N GLU B 106 -4.30 32.87 -14.52
CA GLU B 106 -4.04 31.78 -15.46
C GLU B 106 -3.47 30.55 -14.75
N THR B 107 -3.67 29.38 -15.36
CA THR B 107 -3.16 28.14 -14.79
C THR B 107 -2.05 27.63 -15.69
N LEU B 108 -0.92 27.25 -15.11
CA LEU B 108 0.17 26.62 -15.86
C LEU B 108 -0.35 25.35 -16.56
N LYS B 109 0.07 25.14 -17.80
CA LYS B 109 -0.11 23.81 -18.42
C LYS B 109 0.50 22.72 -17.53
N ILE B 110 -0.17 21.57 -17.46
CA ILE B 110 0.34 20.44 -16.65
C ILE B 110 1.70 19.99 -17.18
N SER B 111 1.90 20.09 -18.49
CA SER B 111 3.17 19.67 -19.09
C SER B 111 4.31 20.58 -18.60
N LYS B 112 3.99 21.83 -18.26
CA LYS B 112 4.99 22.74 -17.67
C LYS B 112 5.15 22.50 -16.18
N ILE B 113 4.04 22.23 -15.51
CA ILE B 113 4.10 21.88 -14.08
C ILE B 113 5.05 20.70 -13.80
N LYS B 114 4.95 19.67 -14.63
CA LYS B 114 5.75 18.47 -14.46
C LYS B 114 7.24 18.72 -14.54
N GLU B 115 7.64 19.86 -15.10
CA GLU B 115 9.07 20.15 -15.29
C GLU B 115 9.70 20.87 -14.11
N LEU B 116 8.85 21.33 -13.20
CA LEU B 116 9.29 22.17 -12.07
C LEU B 116 9.97 21.29 -11.01
N ASP B 117 10.62 21.94 -10.05
CA ASP B 117 11.32 21.19 -9.00
C ASP B 117 10.37 20.57 -8.00
N SER B 118 10.74 19.39 -7.51
CA SER B 118 9.98 18.73 -6.47
C SER B 118 9.82 19.68 -5.28
N GLY B 119 8.62 19.75 -4.71
CA GLY B 119 8.38 20.67 -3.62
C GLY B 119 7.80 22.03 -4.00
N THR B 120 7.79 22.36 -5.30
CA THR B 120 7.24 23.63 -5.79
C THR B 120 5.77 23.69 -5.45
N LEU B 121 5.28 24.84 -5.00
CA LEU B 121 3.85 24.96 -4.66
C LEU B 121 3.05 25.24 -5.92
N ILE B 122 1.95 24.50 -6.11
CA ILE B 122 1.16 24.57 -7.35
C ILE B 122 -0.25 25.06 -7.06
N TYR B 123 -0.72 26.01 -7.88
CA TYR B 123 -2.08 26.51 -7.81
C TYR B 123 -2.70 26.40 -9.20
N GLY B 124 -4.02 26.34 -9.30
CA GLY B 124 -4.62 26.35 -10.62
C GLY B 124 -6.01 25.76 -10.67
N VAL B 125 -6.66 25.94 -11.82
CA VAL B 125 -7.99 25.40 -12.08
C VAL B 125 -7.84 24.37 -13.19
N PHE B 126 -8.29 23.15 -12.93
CA PHE B 126 -8.10 22.03 -13.85
C PHE B 126 -9.38 21.23 -14.01
N ALA B 127 -9.59 20.70 -15.21
CA ALA B 127 -10.70 19.79 -15.46
C ALA B 127 -10.43 18.47 -14.75
N VAL B 128 -11.48 17.88 -14.16
CA VAL B 128 -11.39 16.57 -13.51
C VAL B 128 -11.72 15.45 -14.52
N GLU B 129 -10.84 14.46 -14.61
CA GLU B 129 -11.02 13.32 -15.51
C GLU B 129 -11.57 12.10 -14.77
N LYS B 130 -11.11 11.91 -13.54
CA LYS B 130 -11.52 10.76 -12.73
C LYS B 130 -11.28 10.98 -11.25
N LYS B 131 -12.15 10.44 -10.39
CA LYS B 131 -11.93 10.50 -8.95
C LYS B 131 -11.93 9.11 -8.32
N LYS B 132 -10.98 8.87 -7.42
CA LYS B 132 -10.93 7.60 -6.68
C LYS B 132 -10.89 7.85 -5.17
N VAL B 133 -11.75 7.15 -4.43
CA VAL B 133 -11.77 7.29 -2.98
C VAL B 133 -11.09 6.08 -2.36
N ASN B 134 -10.00 6.33 -1.62
CA ASN B 134 -9.30 5.25 -0.92
C ASN B 134 -9.64 5.27 0.55
N ASP B 135 -9.09 4.30 1.27
CA ASP B 135 -9.27 4.24 2.71
C ASP B 135 -8.80 5.53 3.39
N LYS B 136 -7.60 6.01 3.04
CA LYS B 136 -7.02 7.17 3.74
C LYS B 136 -6.62 8.32 2.83
N SER B 137 -7.18 8.34 1.64
CA SER B 137 -6.94 9.46 0.74
C SER B 137 -8.02 9.53 -0.28
N ILE B 138 -8.08 10.66 -0.96
CA ILE B 138 -8.88 10.79 -2.15
C ILE B 138 -7.94 11.26 -3.22
N THR B 139 -8.02 10.63 -4.39
CA THR B 139 -7.18 11.03 -5.50
C THR B 139 -8.04 11.42 -6.69
N PHE B 140 -7.53 12.34 -7.49
CA PHE B 140 -8.21 12.77 -8.70
C PHE B 140 -7.21 12.68 -9.82
N LYS B 141 -7.71 12.40 -11.01
CA LYS B 141 -6.93 12.66 -12.21
C LYS B 141 -7.48 13.94 -12.83
N ILE B 142 -6.58 14.90 -13.03
CA ILE B 142 -6.97 16.15 -13.68
C ILE B 142 -6.27 16.26 -15.01
N LYS B 143 -6.76 17.11 -15.89
CA LYS B 143 -6.17 17.17 -17.22
C LYS B 143 -6.34 18.55 -17.83
N ASP B 144 -5.58 18.77 -18.89
CA ASP B 144 -5.78 19.91 -19.76
C ASP B 144 -5.64 19.43 -21.21
N ASN B 145 -5.48 20.32 -22.16
CA ASN B 145 -5.43 19.86 -23.56
C ASN B 145 -4.21 19.01 -23.94
N GLU B 146 -3.16 19.01 -23.10
CA GLU B 146 -1.89 18.37 -23.45
C GLU B 146 -1.52 17.15 -22.59
N ASP B 147 -1.97 17.14 -21.34
CA ASP B 147 -1.42 16.21 -20.36
C ASP B 147 -2.41 15.99 -19.23
N ASN B 148 -2.06 15.08 -18.33
CA ASN B 148 -2.84 14.86 -17.12
C ASN B 148 -1.89 14.56 -15.96
N ILE B 149 -2.42 14.66 -14.74
CA ILE B 149 -1.63 14.38 -13.54
C ILE B 149 -2.52 13.98 -12.37
N LYS B 150 -1.98 13.21 -11.43
CA LYS B 150 -2.72 12.79 -10.26
C LYS B 150 -2.58 13.82 -9.14
N VAL B 151 -3.71 14.12 -8.51
CA VAL B 151 -3.77 14.92 -7.29
C VAL B 151 -4.08 14.01 -6.09
N VAL B 152 -3.30 14.13 -5.02
CA VAL B 152 -3.53 13.35 -3.80
C VAL B 152 -3.91 14.24 -2.63
N TRP B 153 -5.07 13.97 -2.04
CA TRP B 153 -5.52 14.60 -0.81
C TRP B 153 -5.55 13.60 0.34
N ASP B 154 -4.65 13.76 1.30
CA ASP B 154 -4.69 12.89 2.47
C ASP B 154 -4.79 13.61 3.82
N LYS B 155 -5.42 14.79 3.83
CA LYS B 155 -5.56 15.60 5.04
C LYS B 155 -6.79 15.25 5.88
N GLU B 156 -7.96 15.66 5.42
CA GLU B 156 -9.19 15.16 6.04
C GLU B 156 -9.80 14.19 5.06
N GLN B 157 -10.42 13.15 5.59
CA GLN B 157 -11.02 12.14 4.74
C GLN B 157 -12.52 12.36 4.62
N HIS B 158 -12.89 13.62 4.46
CA HIS B 158 -14.28 13.98 4.24
C HIS B 158 -14.52 14.08 2.74
N ASN B 159 -15.79 13.96 2.34
CA ASN B 159 -16.17 14.00 0.94
C ASN B 159 -15.64 15.22 0.21
N ILE B 160 -14.99 14.99 -0.92
CA ILE B 160 -14.73 16.09 -1.85
C ILE B 160 -15.66 15.87 -3.04
N ASN B 161 -16.76 16.62 -3.08
CA ASN B 161 -17.85 16.32 -4.00
C ASN B 161 -17.68 16.84 -5.43
N TYR B 162 -16.56 16.48 -6.06
CA TYR B 162 -16.31 16.75 -7.47
C TYR B 162 -15.98 15.45 -8.20
N GLU B 163 -16.36 15.38 -9.47
CA GLU B 163 -16.18 14.18 -10.27
C GLU B 163 -15.90 14.56 -11.72
N LYS B 164 -15.75 13.55 -12.58
CA LYS B 164 -15.50 13.76 -14.00
C LYS B 164 -16.41 14.83 -14.63
N GLY B 165 -15.82 15.78 -15.35
CA GLY B 165 -16.56 16.89 -15.93
C GLY B 165 -16.49 18.18 -15.13
N ASP B 166 -16.28 18.07 -13.82
CA ASP B 166 -16.18 19.24 -12.96
C ASP B 166 -14.84 19.92 -13.13
N LYS B 167 -14.72 21.14 -12.63
CA LYS B 167 -13.41 21.76 -12.48
C LYS B 167 -12.98 21.86 -11.03
N LEU B 168 -11.69 21.63 -10.80
CA LEU B 168 -11.10 21.63 -9.47
C LEU B 168 -10.12 22.80 -9.41
N GLN B 169 -10.27 23.64 -8.40
CA GLN B 169 -9.30 24.69 -8.17
C GLN B 169 -8.41 24.31 -6.98
N LEU B 170 -7.11 24.27 -7.23
CA LEU B 170 -6.13 23.89 -6.23
C LEU B 170 -5.37 25.10 -5.69
N PHE B 171 -5.10 25.07 -4.40
CA PHE B 171 -4.29 26.11 -3.75
C PHE B 171 -3.15 25.46 -2.96
N SER B 172 -1.93 25.91 -3.25
CA SER B 172 -0.76 25.46 -2.50
C SER B 172 -0.65 23.93 -2.40
N PHE B 173 -0.76 23.24 -3.53
CA PHE B 173 -0.44 21.81 -3.57
C PHE B 173 1.05 21.62 -3.85
N HIS B 174 1.62 20.50 -3.40
CA HIS B 174 3.06 20.29 -3.54
C HIS B 174 3.37 19.33 -4.69
N LEU B 175 4.23 19.76 -5.61
CA LEU B 175 4.71 18.84 -6.64
C LEU B 175 5.68 17.79 -6.07
N ARG B 176 5.40 16.51 -6.30
CA ARG B 176 6.33 15.42 -6.00
C ARG B 176 6.60 14.65 -7.26
N LYS B 177 7.87 14.37 -7.55
CA LYS B 177 8.23 13.76 -8.82
C LYS B 177 8.69 12.34 -8.60
N GLY B 178 8.63 11.86 -7.37
CA GLY B 178 9.31 10.63 -7.02
C GLY B 178 8.89 9.43 -7.84
N ASN B 179 9.87 8.62 -8.22
CA ASN B 179 9.63 7.43 -9.03
C ASN B 179 9.46 7.76 -10.50
N GLY B 180 9.73 9.02 -10.86
CA GLY B 180 9.54 9.47 -12.23
C GLY B 180 8.06 9.62 -12.50
N LYS B 181 7.28 9.60 -11.43
CA LYS B 181 5.84 9.69 -11.52
C LYS B 181 5.39 10.96 -10.80
N PRO B 182 5.20 12.05 -11.56
CA PRO B 182 4.85 13.33 -10.93
C PRO B 182 3.42 13.30 -10.40
N ILE B 183 3.22 13.80 -9.18
CA ILE B 183 1.89 14.00 -8.62
C ILE B 183 1.83 15.35 -7.92
N LEU B 184 0.62 15.79 -7.66
CA LEU B 184 0.42 16.97 -6.82
C LEU B 184 -0.13 16.47 -5.49
N HIS B 185 0.53 16.85 -4.39
CA HIS B 185 0.17 16.26 -3.11
C HIS B 185 -0.28 17.33 -2.12
N SER B 186 -1.31 17.03 -1.35
CA SER B 186 -1.76 17.98 -0.35
C SER B 186 -0.63 18.23 0.66
N GLY B 187 -0.62 19.42 1.24
CA GLY B 187 0.39 19.79 2.22
C GLY B 187 -0.25 20.64 3.30
N ASN B 188 0.58 21.28 4.13
CA ASN B 188 0.13 22.03 5.30
C ASN B 188 -1.00 23.05 5.00
N HIS B 189 -0.88 23.77 3.88
CA HIS B 189 -1.85 24.85 3.62
C HIS B 189 -2.74 24.58 2.42
N SER B 190 -2.79 23.32 1.97
CA SER B 190 -3.53 23.00 0.74
C SER B 190 -5.04 23.18 0.91
N PHE B 191 -5.71 23.58 -0.17
CA PHE B 191 -7.14 23.83 -0.13
C PHE B 191 -7.70 23.50 -1.51
N ILE B 192 -8.92 22.99 -1.56
CA ILE B 192 -9.57 22.66 -2.82
C ILE B 192 -10.88 23.40 -2.90
N LYS B 193 -11.10 24.12 -4.00
CA LYS B 193 -12.41 24.63 -4.36
C LYS B 193 -12.82 23.90 -5.63
N GLY B 194 -14.06 24.03 -6.05
CA GLY B 194 -14.46 23.38 -7.28
C GLY B 194 -15.67 24.01 -7.93
N GLU B 195 -15.89 23.65 -9.19
CA GLU B 195 -17.07 24.07 -9.93
C GLU B 195 -17.81 22.83 -10.42
N LYS B 196 -19.03 22.67 -9.92
CA LYS B 196 -19.78 21.40 -9.96
C LYS B 196 -20.03 20.66 -11.28
N LEU B 197 -20.01 21.34 -12.43
CA LEU B 197 -20.01 20.67 -13.75
C LEU B 197 -19.99 21.65 -14.91
#